data_3O4Y
#
_entry.id   3O4Y
#
_cell.length_a   52.106
_cell.length_b   84.858
_cell.length_c   85.757
_cell.angle_alpha   90.000
_cell.angle_beta   90.000
_cell.angle_gamma   90.000
#
_symmetry.space_group_name_H-M   'I 2 2 2'
#
loop_
_entity.id
_entity.type
_entity.pdbx_description
1 polymer 'Calcium-dependent protein kinase 3'
2 non-polymer 'CALCIUM ION'
3 non-polymer GLYCEROL
4 non-polymer 'PHOSPHATE ION'
5 water water
#
_entity_poly.entity_id   1
_entity_poly.type   'polypeptide(L)'
_entity_poly.pdbx_seq_one_letter_code
;MHHHHHHSSGRENLYFQGKIDIHVLENFKNYALMLRFQKLAMTIIAQQSNDYDVQKLKAAFLHLDEEGKGNITKLQLRKG
LERSGLMLPPNFDLLLDQIDSDGSGNIDYTEFLAAAIDRRQLSKKLIYCAFRVFDVDNDGEITTAELAHVLFNGNKRGNI
TERDVNQVKKMIREVDKNGDGKIDFYEFSEMMKLTL
;
_entity_poly.pdbx_strand_id   A
#
loop_
_chem_comp.id
_chem_comp.type
_chem_comp.name
_chem_comp.formula
CA non-polymer 'CALCIUM ION' 'Ca 2'
GOL non-polymer GLYCEROL 'C3 H8 O3'
PO4 non-polymer 'PHOSPHATE ION' 'O4 P -3'
#
# COMPACT_ATOMS: atom_id res chain seq x y z
N ASN A 13 -1.09 -3.97 -41.42
CA ASN A 13 0.34 -4.35 -41.32
C ASN A 13 0.66 -4.87 -39.90
N LEU A 14 0.33 -6.14 -39.68
CA LEU A 14 0.53 -6.79 -38.37
C LEU A 14 1.89 -6.48 -37.70
N TYR A 15 2.96 -6.54 -38.49
CA TYR A 15 4.33 -6.29 -37.99
C TYR A 15 4.46 -4.87 -37.46
N PHE A 16 3.97 -3.92 -38.24
CA PHE A 16 3.86 -2.51 -37.86
C PHE A 16 2.98 -2.34 -36.62
N GLN A 17 1.78 -2.93 -36.64
N GLN A 17 1.78 -2.93 -36.65
CA GLN A 17 0.86 -2.78 -35.51
CA GLN A 17 0.84 -2.81 -35.53
C GLN A 17 1.48 -3.27 -34.20
C GLN A 17 1.46 -3.28 -34.22
N GLY A 18 2.24 -4.37 -34.28
CA GLY A 18 2.89 -4.95 -33.11
C GLY A 18 4.01 -4.08 -32.60
N LYS A 19 4.72 -3.44 -33.53
CA LYS A 19 5.88 -2.60 -33.21
C LYS A 19 5.50 -1.34 -32.43
N ILE A 20 4.26 -0.89 -32.65
CA ILE A 20 3.68 0.28 -31.96
C ILE A 20 2.68 -0.08 -30.82
N ASP A 21 2.67 -1.35 -30.44
CA ASP A 21 1.85 -1.81 -29.31
C ASP A 21 2.60 -1.46 -28.03
N ILE A 22 1.94 -0.69 -27.16
CA ILE A 22 2.55 -0.20 -25.93
C ILE A 22 2.04 -0.84 -24.63
N HIS A 23 1.16 -1.84 -24.73
CA HIS A 23 0.47 -2.38 -23.55
C HIS A 23 1.37 -2.85 -22.40
N VAL A 24 2.58 -3.27 -22.73
CA VAL A 24 3.54 -3.72 -21.74
C VAL A 24 3.86 -2.63 -20.75
N LEU A 25 4.16 -1.43 -21.24
CA LEU A 25 4.47 -0.32 -20.34
C LEU A 25 3.23 0.12 -19.56
N GLU A 26 2.06 0.06 -20.21
CA GLU A 26 0.81 0.42 -19.56
C GLU A 26 0.62 -0.43 -18.32
N ASN A 27 0.66 -1.75 -18.54
CA ASN A 27 0.45 -2.70 -17.47
C ASN A 27 1.43 -2.46 -16.33
N PHE A 28 2.70 -2.21 -16.68
CA PHE A 28 3.73 -2.00 -15.67
C PHE A 28 3.46 -0.74 -14.82
N LYS A 29 3.18 0.38 -15.47
CA LYS A 29 2.82 1.61 -14.78
C LYS A 29 1.62 1.40 -13.83
N ASN A 30 0.60 0.69 -14.31
CA ASN A 30 -0.55 0.37 -13.47
C ASN A 30 -0.16 -0.47 -12.25
N TYR A 31 0.68 -1.45 -12.48
CA TYR A 31 1.05 -2.36 -11.44
C TYR A 31 1.86 -1.64 -10.41
N ALA A 32 2.83 -0.86 -10.87
CA ALA A 32 3.69 -0.14 -9.96
C ALA A 32 2.90 0.83 -9.05
N LEU A 33 1.93 1.54 -9.62
CA LEU A 33 1.16 2.52 -8.86
C LEU A 33 0.16 1.84 -7.94
N MET A 34 -0.46 0.76 -8.42
CA MET A 34 -1.33 -0.04 -7.57
C MET A 34 -0.57 -0.57 -6.34
N LEU A 35 0.69 -0.95 -6.55
CA LEU A 35 1.55 -1.43 -5.47
C LEU A 35 1.80 -0.33 -4.45
N ARG A 36 2.16 0.87 -4.94
CA ARG A 36 2.33 2.03 -4.08
C ARG A 36 1.04 2.36 -3.31
N PHE A 37 -0.09 2.34 -3.98
CA PHE A 37 -1.38 2.57 -3.41
C PHE A 37 -1.58 1.64 -2.21
N GLN A 38 -1.36 0.35 -2.41
CA GLN A 38 -1.63 -0.66 -1.39
C GLN A 38 -0.67 -0.57 -0.23
N LYS A 39 0.59 -0.28 -0.53
CA LYS A 39 1.58 -0.12 0.51
C LYS A 39 1.34 1.13 1.36
N LEU A 40 0.93 2.24 0.74
CA LEU A 40 0.54 3.38 1.52
C LEU A 40 -0.63 3.04 2.42
N ALA A 41 -1.68 2.48 1.85
CA ALA A 41 -2.83 2.05 2.62
C ALA A 41 -2.45 1.16 3.81
N MET A 42 -1.60 0.15 3.59
CA MET A 42 -1.18 -0.73 4.69
C MET A 42 -0.29 -0.05 5.73
N THR A 43 0.46 0.98 5.35
CA THR A 43 1.22 1.79 6.29
C THR A 43 0.29 2.48 7.28
N ILE A 44 -0.86 2.98 6.80
CA ILE A 44 -1.85 3.64 7.65
C ILE A 44 -2.59 2.64 8.55
N ILE A 45 -2.92 1.48 7.99
CA ILE A 45 -3.52 0.42 8.74
C ILE A 45 -2.62 -0.08 9.86
N ALA A 46 -1.33 -0.25 9.55
CA ALA A 46 -0.36 -0.74 10.49
C ALA A 46 -0.15 0.24 11.64
N GLN A 47 -0.25 1.53 11.33
CA GLN A 47 -0.09 2.61 12.30
C GLN A 47 -1.32 2.75 13.19
N GLN A 48 -2.52 2.51 12.64
CA GLN A 48 -3.76 2.75 13.40
C GLN A 48 -4.23 1.47 14.07
N SER A 49 -3.63 0.34 13.73
CA SER A 49 -4.15 -0.94 14.18
C SER A 49 -4.29 -0.95 15.71
N ASN A 50 -5.45 -1.45 16.15
CA ASN A 50 -5.77 -1.58 17.55
C ASN A 50 -5.35 -2.93 18.08
N ASP A 51 -4.67 -3.72 17.26
CA ASP A 51 -4.14 -5.00 17.69
C ASP A 51 -2.89 -4.64 18.48
N TYR A 52 -2.96 -4.84 19.80
CA TYR A 52 -1.84 -4.45 20.66
C TYR A 52 -0.57 -5.21 20.28
N ASP A 53 -0.71 -6.47 19.88
CA ASP A 53 0.46 -7.29 19.54
C ASP A 53 1.20 -6.78 18.31
N VAL A 54 0.49 -6.05 17.42
CA VAL A 54 1.16 -5.26 16.36
C VAL A 54 1.74 -3.95 16.95
N GLN A 55 0.96 -3.24 17.78
CA GLN A 55 1.36 -1.94 18.33
C GLN A 55 2.68 -2.04 19.07
N LYS A 56 2.83 -3.06 19.92
CA LYS A 56 4.04 -3.17 20.72
C LYS A 56 5.22 -3.42 19.84
N LEU A 57 5.02 -4.16 18.75
CA LEU A 57 6.12 -4.41 17.85
C LEU A 57 6.51 -3.08 17.21
N LYS A 58 5.50 -2.33 16.79
CA LYS A 58 5.68 -0.99 16.16
C LYS A 58 6.44 -0.09 17.09
N ALA A 59 6.02 -0.08 18.36
CA ALA A 59 6.70 0.70 19.39
C ALA A 59 8.14 0.24 19.53
N ALA A 60 8.37 -1.08 19.55
CA ALA A 60 9.72 -1.62 19.76
C ALA A 60 10.66 -1.26 18.60
N PHE A 61 10.16 -1.34 17.38
CA PHE A 61 10.97 -0.94 16.23
C PHE A 61 11.24 0.59 16.20
N LEU A 62 10.26 1.42 16.58
CA LEU A 62 10.48 2.89 16.59
C LEU A 62 11.54 3.36 17.61
N HIS A 63 11.66 2.64 18.73
CA HIS A 63 12.67 2.96 19.75
C HIS A 63 14.05 2.43 19.37
N LEU A 64 14.11 1.57 18.35
CA LEU A 64 15.38 1.13 17.78
C LEU A 64 15.77 2.05 16.63
N ASP A 65 14.79 2.55 15.89
CA ASP A 65 15.04 3.48 14.78
C ASP A 65 15.38 4.90 15.28
N LYS A 69 13.18 7.75 9.97
CA LYS A 69 13.70 6.96 8.85
C LYS A 69 12.73 5.87 8.38
N GLY A 70 12.37 4.97 9.30
CA GLY A 70 11.52 3.80 9.01
C GLY A 70 12.32 2.52 8.80
N ASN A 71 13.64 2.66 8.88
CA ASN A 71 14.59 1.68 8.39
C ASN A 71 15.46 1.19 9.56
N ILE A 72 15.53 -0.11 9.74
CA ILE A 72 16.43 -0.72 10.72
C ILE A 72 17.08 -1.96 10.11
N THR A 73 18.18 -2.44 10.69
CA THR A 73 18.85 -3.64 10.17
C THR A 73 17.99 -4.86 10.47
N LYS A 74 18.15 -5.90 9.68
CA LYS A 74 17.39 -7.12 9.91
C LYS A 74 17.74 -7.74 11.26
N LEU A 75 19.00 -7.58 11.68
CA LEU A 75 19.44 -7.99 12.99
C LEU A 75 18.68 -7.25 14.06
N GLN A 76 18.56 -5.93 13.91
CA GLN A 76 17.73 -5.11 14.83
C GLN A 76 16.26 -5.56 14.84
N LEU A 77 15.74 -5.98 13.70
CA LEU A 77 14.33 -6.45 13.64
C LEU A 77 14.18 -7.75 14.45
N ARG A 78 15.13 -8.67 14.24
CA ARG A 78 15.13 -9.92 14.97
C ARG A 78 15.18 -9.68 16.47
N LYS A 79 16.04 -8.75 16.90
CA LYS A 79 16.16 -8.40 18.32
C LYS A 79 14.86 -7.80 18.88
N GLY A 80 14.24 -6.91 18.13
CA GLY A 80 12.99 -6.32 18.58
C GLY A 80 11.95 -7.42 18.80
N LEU A 81 11.93 -8.39 17.88
CA LEU A 81 10.99 -9.50 17.97
C LEU A 81 11.30 -10.33 19.20
N GLU A 82 12.55 -10.76 19.29
CA GLU A 82 12.97 -11.60 20.39
C GLU A 82 12.76 -10.92 21.72
N ARG A 83 13.12 -9.64 21.82
CA ARG A 83 12.93 -8.89 23.07
C ARG A 83 11.45 -8.66 23.45
N SER A 84 10.53 -8.76 22.49
N SER A 84 10.54 -8.75 22.48
CA SER A 84 9.10 -8.70 22.79
CA SER A 84 9.10 -8.72 22.74
C SER A 84 8.58 -10.03 23.35
C SER A 84 8.58 -10.03 23.34
N GLY A 85 9.42 -11.05 23.38
CA GLY A 85 9.07 -12.37 23.92
C GLY A 85 8.81 -13.44 22.88
N LEU A 86 9.19 -13.20 21.63
CA LEU A 86 8.91 -14.17 20.56
C LEU A 86 10.11 -15.08 20.26
N MET A 87 9.83 -16.34 20.04
CA MET A 87 10.81 -17.26 19.48
C MET A 87 10.68 -17.24 17.97
N LEU A 88 11.79 -16.97 17.28
CA LEU A 88 11.78 -16.91 15.82
C LEU A 88 12.05 -18.29 15.23
N PRO A 89 11.36 -18.63 14.11
CA PRO A 89 11.61 -19.93 13.48
C PRO A 89 13.03 -19.98 12.92
N PRO A 90 13.57 -21.20 12.71
CA PRO A 90 14.93 -21.39 12.17
C PRO A 90 15.15 -20.76 10.77
N ASN A 91 14.09 -20.68 9.97
CA ASN A 91 14.19 -20.09 8.64
C ASN A 91 13.65 -18.64 8.53
N PHE A 92 13.54 -17.98 9.67
CA PHE A 92 13.05 -16.62 9.71
C PHE A 92 13.71 -15.78 8.62
N ASP A 93 15.03 -15.86 8.53
CA ASP A 93 15.80 -15.02 7.62
C ASP A 93 15.39 -15.20 6.16
N LEU A 94 15.20 -16.45 5.76
CA LEU A 94 14.65 -16.72 4.44
C LEU A 94 13.25 -16.09 4.24
N LEU A 95 12.38 -16.17 5.25
CA LEU A 95 11.03 -15.57 5.12
C LEU A 95 11.11 -14.05 5.01
N LEU A 96 11.98 -13.46 5.80
CA LEU A 96 12.20 -12.02 5.75
C LEU A 96 12.69 -11.53 4.36
N ASP A 97 13.49 -12.33 3.69
CA ASP A 97 14.04 -11.93 2.38
C ASP A 97 12.92 -11.74 1.35
N GLN A 98 11.79 -12.41 1.56
CA GLN A 98 10.68 -12.42 0.61
C GLN A 98 9.93 -11.11 0.61
N ILE A 99 9.96 -10.39 1.72
CA ILE A 99 9.24 -9.13 1.84
C ILE A 99 10.14 -7.91 1.61
N ASP A 100 11.45 -8.07 1.82
CA ASP A 100 12.42 -6.99 1.62
C ASP A 100 13.81 -7.53 1.97
N SER A 104 20.47 -4.04 1.51
CA SER A 104 21.77 -4.41 2.08
C SER A 104 21.62 -4.68 3.58
N GLY A 105 20.79 -5.66 3.91
CA GLY A 105 20.62 -6.08 5.30
C GLY A 105 19.73 -5.20 6.14
N ASN A 106 19.06 -4.22 5.51
CA ASN A 106 18.14 -3.35 6.22
C ASN A 106 16.67 -3.69 5.86
N ILE A 107 15.75 -3.22 6.70
CA ILE A 107 14.32 -3.50 6.52
C ILE A 107 13.46 -2.27 6.87
N ASP A 108 12.50 -1.99 6.02
CA ASP A 108 11.42 -1.06 6.29
C ASP A 108 10.48 -1.81 7.23
N TYR A 109 10.52 -1.49 8.54
CA TYR A 109 9.82 -2.28 9.54
C TYR A 109 8.28 -2.18 9.47
N THR A 110 7.81 -1.07 8.88
CA THR A 110 6.39 -0.87 8.71
C THR A 110 5.87 -1.90 7.72
N GLU A 111 6.71 -2.24 6.72
CA GLU A 111 6.42 -3.30 5.74
C GLU A 111 6.30 -4.67 6.40
N PHE A 112 7.19 -4.92 7.36
CA PHE A 112 7.08 -6.09 8.21
C PHE A 112 5.75 -6.08 8.97
N LEU A 113 5.45 -4.95 9.59
CA LEU A 113 4.21 -4.83 10.34
C LEU A 113 2.97 -5.08 9.47
N ALA A 114 2.99 -4.54 8.26
CA ALA A 114 1.93 -4.75 7.26
C ALA A 114 1.76 -6.23 6.89
N ALA A 115 2.88 -6.93 6.81
CA ALA A 115 2.95 -8.32 6.45
C ALA A 115 2.39 -9.16 7.57
N ALA A 116 2.39 -8.61 8.78
CA ALA A 116 1.92 -9.32 9.98
C ALA A 116 0.43 -9.14 10.24
N ILE A 117 -0.24 -8.40 9.36
CA ILE A 117 -1.67 -8.15 9.47
C ILE A 117 -2.44 -8.98 8.41
N ASP A 118 -3.48 -9.67 8.85
CA ASP A 118 -4.27 -10.55 7.98
C ASP A 118 -5.26 -9.67 7.27
N ARG A 119 -5.07 -9.50 5.97
CA ARG A 119 -5.86 -8.52 5.18
C ARG A 119 -7.28 -8.95 4.97
N ARG A 120 -7.52 -10.24 4.85
CA ARG A 120 -8.91 -10.73 4.72
C ARG A 120 -9.78 -10.43 5.94
N GLN A 121 -9.15 -10.18 7.10
CA GLN A 121 -9.94 -9.99 8.34
C GLN A 121 -9.90 -8.55 8.87
N LEU A 122 -9.52 -7.60 8.02
CA LEU A 122 -9.54 -6.20 8.38
C LEU A 122 -10.96 -5.74 8.75
N SER A 123 -11.06 -4.99 9.83
CA SER A 123 -12.31 -4.41 10.25
C SER A 123 -12.67 -3.23 9.38
N LYS A 124 -13.98 -3.01 9.23
CA LYS A 124 -14.49 -1.85 8.55
C LYS A 124 -13.91 -0.53 9.11
N LYS A 125 -13.82 -0.39 10.43
CA LYS A 125 -13.27 0.83 11.05
C LYS A 125 -11.82 1.08 10.72
N LEU A 126 -11.01 0.02 10.72
CA LEU A 126 -9.61 0.12 10.41
C LEU A 126 -9.38 0.47 8.94
N ILE A 127 -10.16 -0.16 8.07
CA ILE A 127 -10.11 0.13 6.65
C ILE A 127 -10.51 1.60 6.42
N TYR A 128 -11.51 2.09 7.15
N TYR A 128 -11.53 2.08 7.12
CA TYR A 128 -11.93 3.47 7.00
CA TYR A 128 -11.97 3.48 7.01
C TYR A 128 -10.84 4.47 7.40
C TYR A 128 -10.87 4.48 7.43
N CYS A 129 -10.06 4.12 8.42
CA CYS A 129 -8.92 4.99 8.83
C CYS A 129 -7.98 5.25 7.64
N ALA A 130 -7.68 4.19 6.87
CA ALA A 130 -6.91 4.33 5.63
C ALA A 130 -7.65 5.12 4.53
N PHE A 131 -8.92 4.78 4.32
CA PHE A 131 -9.73 5.42 3.30
C PHE A 131 -9.80 6.94 3.46
N ARG A 132 -10.04 7.36 4.71
N ARG A 132 -10.03 7.40 4.70
CA ARG A 132 -10.21 8.74 5.11
CA ARG A 132 -10.23 8.80 4.99
C ARG A 132 -9.01 9.58 4.67
C ARG A 132 -8.99 9.63 4.67
N VAL A 133 -7.82 8.99 4.72
CA VAL A 133 -6.58 9.64 4.34
C VAL A 133 -6.50 9.91 2.82
N PHE A 134 -6.95 8.97 1.99
CA PHE A 134 -7.09 9.19 0.53
C PHE A 134 -8.29 10.07 0.17
N ASP A 135 -9.37 10.00 0.94
CA ASP A 135 -10.55 10.79 0.67
C ASP A 135 -10.38 12.08 1.44
N VAL A 136 -9.50 12.94 0.91
CA VAL A 136 -9.14 14.17 1.62
C VAL A 136 -10.28 15.11 1.94
N ASP A 137 -11.22 15.29 1.02
N ASP A 137 -11.22 15.34 1.04
CA ASP A 137 -12.35 16.21 1.23
CA ASP A 137 -12.31 16.27 1.36
C ASP A 137 -13.47 15.54 2.03
C ASP A 137 -13.47 15.55 2.04
N ASN A 138 -13.29 14.25 2.30
CA ASN A 138 -14.24 13.47 3.11
C ASN A 138 -15.67 13.39 2.53
N ASP A 139 -15.76 13.33 1.20
CA ASP A 139 -17.08 13.23 0.55
C ASP A 139 -17.42 11.78 0.21
N GLY A 140 -16.57 10.83 0.59
CA GLY A 140 -16.85 9.41 0.41
C GLY A 140 -16.38 8.80 -0.90
N GLU A 141 -15.55 9.54 -1.63
CA GLU A 141 -15.02 9.10 -2.91
C GLU A 141 -13.61 9.47 -3.00
N ILE A 142 -12.75 8.52 -3.35
CA ILE A 142 -11.40 8.85 -3.67
C ILE A 142 -11.43 9.14 -5.16
N THR A 143 -11.21 10.40 -5.52
CA THR A 143 -11.14 10.81 -6.90
C THR A 143 -9.71 10.72 -7.36
N THR A 144 -9.52 10.78 -8.68
N THR A 144 -9.51 10.79 -8.67
CA THR A 144 -8.20 10.73 -9.32
CA THR A 144 -8.19 10.65 -9.26
C THR A 144 -7.27 11.73 -8.71
C THR A 144 -7.22 11.77 -8.89
N ALA A 145 -7.70 12.98 -8.65
CA ALA A 145 -6.85 14.07 -8.14
C ALA A 145 -6.50 13.93 -6.65
N GLU A 146 -7.46 13.42 -5.86
N GLU A 146 -7.43 13.38 -5.87
CA GLU A 146 -7.21 13.07 -4.46
CA GLU A 146 -7.17 13.08 -4.47
C GLU A 146 -6.13 11.98 -4.42
C GLU A 146 -6.16 11.94 -4.36
N LEU A 147 -6.35 10.90 -5.18
CA LEU A 147 -5.41 9.75 -5.17
C LEU A 147 -4.02 10.14 -5.65
N ALA A 148 -3.96 10.89 -6.76
CA ALA A 148 -2.68 11.38 -7.29
C ALA A 148 -1.94 12.20 -6.25
N HIS A 149 -2.72 12.99 -5.53
CA HIS A 149 -2.21 13.80 -4.43
C HIS A 149 -1.54 12.87 -3.44
N VAL A 150 -2.30 11.90 -2.93
CA VAL A 150 -1.73 10.98 -1.95
C VAL A 150 -0.51 10.21 -2.49
N LEU A 151 -0.50 9.81 -3.76
CA LEU A 151 0.59 8.96 -4.25
C LEU A 151 1.85 9.70 -4.64
N PHE A 152 1.69 10.95 -5.08
CA PHE A 152 2.79 11.75 -5.57
C PHE A 152 3.11 12.99 -4.70
N ASN A 153 2.16 13.50 -3.91
CA ASN A 153 2.42 14.69 -3.05
C ASN A 153 3.42 14.30 -1.94
N ASN A 159 4.76 18.76 -6.25
CA ASN A 159 4.42 19.53 -7.45
C ASN A 159 3.93 18.61 -8.59
N ILE A 160 2.71 18.06 -8.44
CA ILE A 160 2.23 17.01 -9.34
C ILE A 160 1.89 17.60 -10.72
N THR A 161 2.14 16.82 -11.77
CA THR A 161 1.94 17.24 -13.17
C THR A 161 0.61 16.68 -13.70
N GLU A 162 0.28 17.08 -14.93
N GLU A 162 0.27 17.01 -14.95
CA GLU A 162 -0.87 16.56 -15.68
CA GLU A 162 -0.96 16.54 -15.59
C GLU A 162 -0.69 15.07 -15.87
C GLU A 162 -0.79 15.09 -16.05
N ARG A 163 0.53 14.69 -16.24
N ARG A 163 0.45 14.65 -16.19
CA ARG A 163 0.82 13.31 -16.57
CA ARG A 163 0.71 13.28 -16.58
C ARG A 163 0.52 12.43 -15.36
C ARG A 163 0.50 12.40 -15.34
N ASP A 164 1.02 12.85 -14.20
CA ASP A 164 0.79 12.18 -12.92
C ASP A 164 -0.69 11.84 -12.71
N VAL A 165 -1.56 12.83 -12.91
CA VAL A 165 -3.00 12.63 -12.62
C VAL A 165 -3.58 11.55 -13.51
N ASN A 166 -3.19 11.59 -14.77
CA ASN A 166 -3.67 10.61 -15.76
C ASN A 166 -3.18 9.17 -15.54
N GLN A 167 -1.95 9.00 -15.08
CA GLN A 167 -1.44 7.66 -14.73
C GLN A 167 -2.32 7.06 -13.61
N VAL A 168 -2.71 7.90 -12.66
CA VAL A 168 -3.56 7.43 -11.58
C VAL A 168 -4.90 7.04 -12.14
N LYS A 169 -5.44 7.86 -13.04
CA LYS A 169 -6.76 7.59 -13.63
C LYS A 169 -6.80 6.21 -14.34
N LYS A 170 -5.72 5.84 -15.02
N LYS A 170 -5.72 5.84 -15.03
CA LYS A 170 -5.63 4.53 -15.66
CA LYS A 170 -5.63 4.53 -15.67
C LYS A 170 -5.49 3.38 -14.65
C LYS A 170 -5.50 3.37 -14.65
N MET A 171 -4.71 3.59 -13.60
CA MET A 171 -4.47 2.57 -12.56
C MET A 171 -5.74 2.16 -11.80
N ILE A 172 -6.69 3.07 -11.58
CA ILE A 172 -7.86 2.69 -10.77
C ILE A 172 -8.86 1.83 -11.53
N ARG A 173 -8.73 1.72 -12.84
CA ARG A 173 -9.70 0.98 -13.65
C ARG A 173 -10.04 -0.40 -13.09
N GLU A 174 -9.02 -1.10 -12.62
CA GLU A 174 -9.17 -2.46 -12.11
C GLU A 174 -9.96 -2.57 -10.81
N VAL A 175 -9.85 -1.57 -9.96
CA VAL A 175 -10.56 -1.60 -8.67
C VAL A 175 -11.81 -0.71 -8.69
N ASP A 176 -11.96 0.10 -9.74
CA ASP A 176 -13.17 0.90 -9.91
C ASP A 176 -14.30 0.06 -10.49
N LYS A 177 -14.94 -0.70 -9.65
CA LYS A 177 -15.97 -1.66 -10.09
C LYS A 177 -17.18 -1.06 -10.82
N ASN A 178 -17.69 0.08 -10.37
CA ASN A 178 -18.84 0.70 -11.04
C ASN A 178 -18.54 1.69 -12.19
N GLY A 179 -17.29 1.85 -12.54
CA GLY A 179 -16.92 2.55 -13.78
C GLY A 179 -17.10 4.06 -13.74
N ASP A 180 -17.18 4.64 -12.53
CA ASP A 180 -17.50 6.06 -12.39
C ASP A 180 -16.24 6.92 -12.26
N GLY A 181 -15.08 6.31 -12.37
CA GLY A 181 -13.81 7.04 -12.31
C GLY A 181 -13.38 7.41 -10.90
N LYS A 182 -14.12 6.97 -9.88
CA LYS A 182 -13.79 7.21 -8.48
C LYS A 182 -13.83 5.91 -7.68
N ILE A 183 -13.12 5.92 -6.54
CA ILE A 183 -13.05 4.77 -5.66
C ILE A 183 -13.89 5.06 -4.44
N ASP A 184 -15.02 4.37 -4.31
CA ASP A 184 -15.84 4.49 -3.10
C ASP A 184 -15.32 3.54 -2.02
N PHE A 185 -15.93 3.57 -0.83
CA PHE A 185 -15.42 2.76 0.28
C PHE A 185 -15.51 1.27 -0.03
N TYR A 186 -16.63 0.83 -0.55
CA TYR A 186 -16.82 -0.56 -0.95
C TYR A 186 -15.71 -1.04 -1.87
N GLU A 187 -15.35 -0.25 -2.88
CA GLU A 187 -14.28 -0.63 -3.80
C GLU A 187 -12.90 -0.65 -3.10
N PHE A 188 -12.65 0.31 -2.22
CA PHE A 188 -11.37 0.41 -1.51
C PHE A 188 -11.21 -0.80 -0.56
N SER A 189 -12.31 -1.15 0.11
CA SER A 189 -12.39 -2.23 1.04
C SER A 189 -12.11 -3.55 0.32
N GLU A 190 -12.81 -3.77 -0.80
CA GLU A 190 -12.59 -4.96 -1.60
C GLU A 190 -11.17 -5.15 -1.95
N MET A 191 -10.55 -4.04 -2.35
CA MET A 191 -9.17 -4.01 -2.76
C MET A 191 -8.27 -4.35 -1.59
N MET A 192 -8.54 -3.76 -0.42
CA MET A 192 -7.67 -4.03 0.73
C MET A 192 -7.83 -5.48 1.23
N LYS A 193 -9.07 -5.97 1.37
CA LYS A 193 -9.29 -7.32 1.92
C LYS A 193 -8.93 -8.37 0.92
N LEU A 194 -8.30 -7.92 -0.18
CA LEU A 194 -7.94 -8.73 -1.34
C LEU A 194 -9.12 -9.60 -1.81
N THR A 195 -10.29 -8.99 -1.89
CA THR A 195 -11.54 -9.72 -2.19
C THR A 195 -12.71 -8.94 -1.63
CA CA B . -13.52 12.74 -1.97
CA CA C . -16.21 3.61 -8.47
C1 GOL D . -17.97 7.69 3.22
O1 GOL D . -17.84 6.29 2.98
C2 GOL D . -17.00 8.46 4.12
O2 GOL D . -17.30 9.80 3.87
C3 GOL D . -15.53 8.28 3.84
O3 GOL D . -14.75 9.46 3.85
P PO4 E . -1.60 17.93 -4.97
O1 PO4 E . -1.79 19.17 -5.86
O2 PO4 E . -1.81 16.63 -5.76
O3 PO4 E . -0.29 17.92 -4.20
O4 PO4 E . -2.77 17.69 -3.94
#